data_5C0M
#
_entry.id   5C0M
#
_cell.length_a   50.109
_cell.length_b   65.193
_cell.length_c   105.217
_cell.angle_alpha   90.000
_cell.angle_beta   90.000
_cell.angle_gamma   90.000
#
_symmetry.space_group_name_H-M   'P 21 21 21'
#
loop_
_entity.id
_entity.type
_entity.pdbx_description
1 polymer 'SAGA-associated factor 29 homolog'
2 polymer 'Carba-containing peptide'
3 non-polymer 'SULFATE ION'
4 non-polymer 'UNKNOWN ATOM OR ION'
5 non-polymer GLYCEROL
6 water water
#
loop_
_entity_poly.entity_id
_entity_poly.type
_entity_poly.pdbx_seq_one_letter_code
_entity_poly.pdbx_strand_id
1 'polypeptide(L)'
;GRRGVLMTLLQQSAMTLPLWIGKPGDKPPPLCGAIPASGDYVARPGDKVAARVKAVDGDEQWILAEVVSYSHATNKYEVD
DIDEEGKERHTLSRRRVIPLPQWKANPETDPEALFQKEQLVLALYPQTTCFYRALIHAPPQRPQDDYSVLFEDTSYADGY
SPPLNVAQRYVVACKEPKKK
;
A,B
2 'polypeptide(L)' ART(4WQ)QTARKS C,D
#
loop_
_chem_comp.id
_chem_comp.type
_chem_comp.name
_chem_comp.formula
GOL non-polymer GLYCEROL 'C3 H8 O3'
SO4 non-polymer 'SULFATE ION' 'O4 S -2'
UNX non-polymer 'UNKNOWN ATOM OR ION' ?
#
# COMPACT_ATOMS: atom_id res chain seq x y z
N GLY A 1 -10.32 27.00 -24.86
CA GLY A 1 -9.11 26.46 -25.59
C GLY A 1 -8.62 25.16 -24.98
N ARG A 2 -7.36 24.85 -25.24
CA ARG A 2 -6.72 23.66 -24.69
C ARG A 2 -6.77 23.59 -23.18
N ARG A 3 -6.47 24.70 -22.52
CA ARG A 3 -6.40 24.68 -21.06
C ARG A 3 -7.74 24.37 -20.42
N GLY A 4 -8.81 24.97 -20.95
CA GLY A 4 -10.16 24.66 -20.53
C GLY A 4 -10.52 23.21 -20.75
N VAL A 5 -10.21 22.71 -21.94
CA VAL A 5 -10.46 21.33 -22.32
C VAL A 5 -9.74 20.39 -21.36
N LEU A 6 -8.46 20.67 -21.12
CA LEU A 6 -7.67 19.87 -20.17
C LEU A 6 -8.23 19.81 -18.77
N MET A 7 -8.42 20.99 -18.17
CA MET A 7 -9.00 21.10 -16.83
C MET A 7 -10.35 20.45 -16.69
N THR A 8 -11.20 20.62 -17.71
CA THR A 8 -12.50 19.96 -17.72
C THR A 8 -12.32 18.46 -17.67
N LEU A 9 -11.46 17.95 -18.56
CA LEU A 9 -11.22 16.53 -18.64
C LEU A 9 -10.74 15.98 -17.29
N LEU A 10 -9.81 16.69 -16.65
CA LEU A 10 -9.35 16.33 -15.30
C LEU A 10 -10.44 16.17 -14.28
N GLN A 11 -11.33 17.16 -14.22
CA GLN A 11 -12.50 17.13 -13.33
C GLN A 11 -13.48 16.00 -13.63
N GLN A 12 -13.80 15.78 -14.91
CA GLN A 12 -14.65 14.66 -15.30
C GLN A 12 -14.10 13.39 -14.67
N SER A 13 -12.80 13.15 -14.84
CA SER A 13 -12.19 11.91 -14.38
C SER A 13 -12.18 11.81 -12.86
N ALA A 14 -11.86 12.91 -12.20
CA ALA A 14 -11.91 12.98 -10.73
C ALA A 14 -13.34 12.69 -10.22
N MET A 15 -14.32 13.40 -10.79
CA MET A 15 -15.73 13.30 -10.37
CA MET A 15 -15.70 13.30 -10.32
C MET A 15 -16.34 11.92 -10.61
N THR A 16 -15.98 11.29 -11.74
CA THR A 16 -16.59 10.00 -12.13
C THR A 16 -15.96 8.78 -11.44
N LEU A 17 -14.90 8.96 -10.67
CA LEU A 17 -14.27 7.83 -9.96
C LEU A 17 -15.27 7.20 -8.98
N PRO A 18 -15.62 5.90 -9.17
CA PRO A 18 -16.67 5.32 -8.34
C PRO A 18 -16.29 5.16 -6.87
N LEU A 19 -17.26 5.33 -5.99
CA LEU A 19 -17.06 5.14 -4.57
C LEU A 19 -17.10 3.64 -4.28
N TRP A 20 -16.14 3.15 -3.50
CA TRP A 20 -16.18 1.76 -3.07
C TRP A 20 -17.29 1.62 -2.02
N ILE A 21 -18.25 0.73 -2.30
CA ILE A 21 -19.39 0.45 -1.41
C ILE A 21 -19.34 -1.02 -1.03
N GLY A 22 -18.70 -1.33 0.09
CA GLY A 22 -18.65 -2.70 0.57
C GLY A 22 -19.88 -3.01 1.42
N LYS A 23 -20.02 -4.27 1.80
CA LYS A 23 -20.97 -4.67 2.84
C LYS A 23 -20.14 -5.18 4.01
N PRO A 24 -20.77 -5.44 5.18
CA PRO A 24 -20.01 -5.93 6.33
C PRO A 24 -19.16 -7.15 6.00
N GLY A 25 -17.88 -7.11 6.40
CA GLY A 25 -16.96 -8.20 6.11
C GLY A 25 -16.04 -7.99 4.92
N ASP A 26 -16.43 -7.11 3.98
CA ASP A 26 -15.61 -6.82 2.81
C ASP A 26 -14.47 -5.90 3.19
N LYS A 27 -13.36 -6.02 2.49
CA LYS A 27 -12.27 -5.06 2.65
C LYS A 27 -12.13 -4.30 1.35
N PRO A 28 -11.63 -3.05 1.45
CA PRO A 28 -11.46 -2.30 0.22
C PRO A 28 -10.44 -2.98 -0.68
N PRO A 29 -10.70 -3.02 -2.00
CA PRO A 29 -9.80 -3.78 -2.88
C PRO A 29 -8.52 -3.01 -3.23
N PRO A 30 -7.54 -3.70 -3.87
CA PRO A 30 -6.42 -3.01 -4.53
C PRO A 30 -6.93 -1.91 -5.44
N LEU A 31 -6.28 -0.76 -5.37
CA LEU A 31 -6.65 0.44 -6.15
C LEU A 31 -7.92 1.14 -5.69
N CYS A 32 -8.42 0.80 -4.50
CA CYS A 32 -9.35 1.65 -3.82
C CYS A 32 -8.58 2.67 -3.00
N GLY A 33 -8.67 3.95 -3.38
CA GLY A 33 -7.94 5.01 -2.68
C GLY A 33 -6.46 4.71 -2.56
N ALA A 34 -5.98 4.62 -1.33
CA ALA A 34 -4.57 4.37 -1.01
C ALA A 34 -4.13 2.91 -1.01
N ILE A 35 -5.05 1.95 -1.21
CA ILE A 35 -4.66 0.53 -1.21
C ILE A 35 -3.87 0.26 -2.50
N PRO A 36 -2.63 -0.23 -2.38
CA PRO A 36 -1.80 -0.31 -3.59
C PRO A 36 -2.25 -1.46 -4.48
N ALA A 37 -1.80 -1.41 -5.73
CA ALA A 37 -1.99 -2.53 -6.63
C ALA A 37 -1.34 -3.81 -6.10
N SER A 38 -1.87 -4.94 -6.52
CA SER A 38 -1.24 -6.24 -6.29
C SER A 38 0.17 -6.24 -6.88
N GLY A 39 1.04 -7.07 -6.31
N GLY A 39 1.07 -7.04 -6.32
CA GLY A 39 2.35 -7.30 -6.90
CA GLY A 39 2.49 -6.99 -6.70
C GLY A 39 2.18 -7.93 -8.28
C GLY A 39 2.84 -7.37 -8.13
N ASP A 40 2.99 -7.47 -9.22
N ASP A 40 1.93 -8.07 -8.81
CA ASP A 40 2.87 -7.88 -10.63
CA ASP A 40 2.19 -8.47 -10.20
C ASP A 40 1.48 -7.61 -11.25
C ASP A 40 1.39 -7.67 -11.22
N TYR A 41 0.79 -6.57 -10.79
CA TYR A 41 -0.37 -6.02 -11.47
C TYR A 41 0.07 -5.40 -12.78
N VAL A 42 -0.74 -5.59 -13.81
CA VAL A 42 -0.58 -4.91 -15.09
C VAL A 42 -1.86 -4.12 -15.39
N ALA A 43 -1.72 -2.80 -15.57
CA ALA A 43 -2.87 -1.95 -15.91
C ALA A 43 -3.36 -2.25 -17.30
N ARG A 44 -4.65 -2.00 -17.49
CA ARG A 44 -5.37 -2.39 -18.70
C ARG A 44 -5.51 -1.17 -19.61
N PRO A 45 -5.63 -1.40 -20.93
CA PRO A 45 -5.88 -0.29 -21.86
C PRO A 45 -7.05 0.59 -21.41
N GLY A 46 -6.84 1.90 -21.43
CA GLY A 46 -7.83 2.85 -20.93
C GLY A 46 -7.62 3.28 -19.48
N ASP A 47 -6.83 2.55 -18.71
CA ASP A 47 -6.63 2.89 -17.29
C ASP A 47 -5.77 4.14 -17.20
N LYS A 48 -6.09 5.02 -16.26
CA LYS A 48 -5.25 6.17 -15.98
C LYS A 48 -4.06 5.79 -15.10
N VAL A 49 -2.92 6.41 -15.38
CA VAL A 49 -1.68 6.18 -14.66
C VAL A 49 -0.92 7.49 -14.43
N ALA A 50 -0.02 7.45 -13.45
CA ALA A 50 1.06 8.41 -13.37
C ALA A 50 2.26 7.75 -14.05
N ALA A 51 2.81 8.44 -15.05
CA ALA A 51 3.88 7.90 -15.88
C ALA A 51 5.11 8.79 -15.79
N ARG A 52 6.25 8.21 -15.44
CA ARG A 52 7.52 8.94 -15.34
C ARG A 52 8.16 9.01 -16.73
N VAL A 53 8.08 10.17 -17.37
CA VAL A 53 8.53 10.36 -18.76
C VAL A 53 9.64 11.40 -18.81
N LYS A 54 10.64 11.08 -19.63
CA LYS A 54 11.81 11.88 -19.85
C LYS A 54 11.58 12.60 -21.17
N ALA A 55 11.53 13.93 -21.12
CA ALA A 55 11.53 14.78 -22.32
C ALA A 55 12.79 14.59 -23.18
N VAL A 56 12.75 15.12 -24.40
CA VAL A 56 13.92 15.12 -25.30
C VAL A 56 15.14 15.80 -24.67
N ASP A 57 14.89 16.88 -23.92
CA ASP A 57 15.96 17.62 -23.20
C ASP A 57 16.42 17.00 -21.87
N GLY A 58 15.86 15.84 -21.51
CA GLY A 58 16.25 15.09 -20.32
C GLY A 58 15.43 15.33 -19.05
N ASP A 59 14.51 16.28 -19.06
CA ASP A 59 13.73 16.63 -17.86
C ASP A 59 12.71 15.53 -17.55
N GLU A 60 12.69 15.06 -16.29
CA GLU A 60 11.78 13.98 -15.82
C GLU A 60 10.54 14.60 -15.19
N GLN A 61 9.37 14.13 -15.60
CA GLN A 61 8.11 14.47 -14.92
C GLN A 61 7.28 13.20 -14.77
N TRP A 62 6.53 13.13 -13.67
CA TRP A 62 5.39 12.23 -13.57
C TRP A 62 4.18 12.90 -14.20
N ILE A 63 3.70 12.35 -15.33
CA ILE A 63 2.58 12.91 -16.07
C ILE A 63 1.31 12.08 -15.92
N LEU A 64 0.16 12.74 -16.06
CA LEU A 64 -1.11 12.04 -16.13
C LEU A 64 -1.28 11.43 -17.54
N ALA A 65 -1.54 10.12 -17.60
CA ALA A 65 -1.55 9.40 -18.86
C ALA A 65 -2.56 8.27 -18.84
N GLU A 66 -2.75 7.64 -19.99
CA GLU A 66 -3.66 6.52 -20.13
C GLU A 66 -2.91 5.35 -20.78
N VAL A 67 -3.15 4.14 -20.29
CA VAL A 67 -2.49 2.97 -20.87
C VAL A 67 -3.10 2.67 -22.24
N VAL A 68 -2.24 2.37 -23.19
CA VAL A 68 -2.63 1.91 -24.52
C VAL A 68 -2.47 0.40 -24.67
N SER A 69 -1.34 -0.13 -24.25
CA SER A 69 -1.08 -1.57 -24.29
C SER A 69 0.04 -1.92 -23.33
N TYR A 70 0.26 -3.21 -23.16
CA TYR A 70 1.39 -3.72 -22.40
C TYR A 70 1.91 -4.96 -23.10
N SER A 71 3.22 -5.05 -23.31
CA SER A 71 3.81 -6.19 -24.01
C SER A 71 4.53 -7.07 -23.03
N HIS A 72 4.09 -8.32 -22.91
CA HIS A 72 4.79 -9.30 -22.08
C HIS A 72 6.10 -9.77 -22.71
N ALA A 73 6.24 -9.61 -24.01
CA ALA A 73 7.53 -9.84 -24.69
C ALA A 73 8.65 -9.00 -24.10
N THR A 74 8.37 -7.72 -23.82
CA THR A 74 9.37 -6.78 -23.32
C THR A 74 9.12 -6.27 -21.91
N ASN A 75 7.95 -6.58 -21.36
CA ASN A 75 7.48 -6.01 -20.11
C ASN A 75 7.49 -4.48 -20.08
N LYS A 76 6.98 -3.91 -21.16
CA LYS A 76 6.85 -2.47 -21.33
C LYS A 76 5.42 -2.09 -21.62
N TYR A 77 4.97 -0.96 -21.05
CA TYR A 77 3.71 -0.31 -21.41
C TYR A 77 3.89 0.60 -22.61
N GLU A 78 2.79 0.83 -23.33
CA GLU A 78 2.58 2.05 -24.11
C GLU A 78 1.55 2.91 -23.39
N VAL A 79 1.84 4.21 -23.27
CA VAL A 79 0.91 5.13 -22.62
C VAL A 79 0.78 6.42 -23.45
N ASP A 80 -0.44 6.96 -23.51
CA ASP A 80 -0.67 8.29 -24.10
C ASP A 80 -0.86 9.32 -22.99
N ASP A 81 -0.25 10.48 -23.21
CA ASP A 81 -0.53 11.71 -22.45
C ASP A 81 -2.02 12.05 -22.61
N ILE A 82 -2.70 12.44 -21.53
N ILE A 82 -2.73 12.43 -21.53
CA ILE A 82 -4.12 12.85 -21.61
CA ILE A 82 -4.15 12.85 -21.67
C ILE A 82 -4.28 14.19 -22.32
C ILE A 82 -4.27 14.20 -22.37
N ASP A 83 -3.17 14.92 -22.46
CA ASP A 83 -3.08 16.17 -23.20
C ASP A 83 -2.81 15.86 -24.66
N GLU A 84 -3.69 16.32 -25.54
CA GLU A 84 -3.48 16.14 -26.99
C GLU A 84 -2.24 16.86 -27.56
N GLU A 85 -1.72 17.88 -26.90
CA GLU A 85 -0.41 18.45 -27.27
C GLU A 85 0.77 17.53 -26.96
N GLY A 86 0.56 16.49 -26.15
CA GLY A 86 1.53 15.42 -25.94
C GLY A 86 1.37 14.44 -27.07
N LYS A 87 2.19 14.60 -28.10
CA LYS A 87 2.04 13.86 -29.35
C LYS A 87 2.83 12.55 -29.38
N GLU A 88 3.58 12.25 -28.32
CA GLU A 88 4.38 11.03 -28.25
C GLU A 88 3.75 9.96 -27.36
N ARG A 89 3.50 8.80 -27.95
CA ARG A 89 3.11 7.59 -27.22
C ARG A 89 4.39 7.02 -26.63
N HIS A 90 4.44 6.90 -25.31
CA HIS A 90 5.66 6.58 -24.58
C HIS A 90 5.76 5.08 -24.29
N THR A 91 6.94 4.52 -24.49
CA THR A 91 7.27 3.12 -24.12
C THR A 91 7.96 3.15 -22.77
N LEU A 92 7.32 2.57 -21.75
CA LEU A 92 7.80 2.70 -20.37
C LEU A 92 7.91 1.37 -19.65
N SER A 93 9.00 1.23 -18.88
CA SER A 93 9.14 0.14 -17.92
C SER A 93 8.07 0.21 -16.83
N ARG A 94 7.81 -0.93 -16.20
CA ARG A 94 6.80 -1.02 -15.15
CA ARG A 94 6.80 -1.02 -15.14
C ARG A 94 7.07 -0.05 -14.00
N ARG A 95 8.33 0.10 -13.61
CA ARG A 95 8.67 1.01 -12.50
C ARG A 95 8.43 2.49 -12.80
N ARG A 96 8.23 2.83 -14.07
CA ARG A 96 7.82 4.19 -14.46
C ARG A 96 6.30 4.39 -14.59
N VAL A 97 5.50 3.42 -14.16
CA VAL A 97 4.05 3.51 -14.28
C VAL A 97 3.45 3.19 -12.91
N ILE A 98 2.68 4.13 -12.37
CA ILE A 98 1.90 3.89 -11.13
C ILE A 98 0.43 3.99 -11.50
N PRO A 99 -0.34 2.89 -11.34
CA PRO A 99 -1.77 2.98 -11.62
C PRO A 99 -2.49 3.90 -10.64
N LEU A 100 -3.37 4.76 -11.16
CA LEU A 100 -4.19 5.60 -10.31
C LEU A 100 -5.29 4.75 -9.68
N PRO A 101 -5.80 5.20 -8.53
CA PRO A 101 -6.91 4.46 -7.92
C PRO A 101 -8.09 4.31 -8.88
N GLN A 102 -8.77 3.17 -8.79
CA GLN A 102 -9.97 2.87 -9.56
C GLN A 102 -11.28 3.03 -8.78
N TRP A 103 -11.17 3.22 -7.45
CA TRP A 103 -12.29 3.63 -6.61
CA TRP A 103 -12.29 3.62 -6.60
C TRP A 103 -11.84 4.74 -5.66
N LYS A 104 -12.79 5.58 -5.27
CA LYS A 104 -12.61 6.50 -4.14
CA LYS A 104 -12.62 6.50 -4.14
C LYS A 104 -12.89 5.70 -2.87
N ALA A 105 -12.10 5.93 -1.84
CA ALA A 105 -12.34 5.38 -0.50
C ALA A 105 -13.31 6.29 0.23
N ASN A 106 -14.35 5.72 0.81
CA ASN A 106 -15.29 6.50 1.59
C ASN A 106 -14.71 6.70 3.01
N PRO A 107 -14.37 7.94 3.39
CA PRO A 107 -13.84 8.15 4.76
C PRO A 107 -14.76 7.64 5.88
N GLU A 108 -16.06 7.61 5.61
CA GLU A 108 -17.06 7.23 6.60
C GLU A 108 -17.20 5.71 6.79
N THR A 109 -16.68 4.92 5.86
CA THR A 109 -16.76 3.45 5.95
C THR A 109 -15.42 2.72 5.86
N ASP A 110 -14.48 3.27 5.10
CA ASP A 110 -13.18 2.63 4.91
C ASP A 110 -12.01 3.61 5.05
N PRO A 111 -11.88 4.30 6.21
CA PRO A 111 -10.78 5.26 6.38
C PRO A 111 -9.38 4.64 6.33
N GLU A 112 -9.23 3.35 6.58
CA GLU A 112 -7.92 2.70 6.39
C GLU A 112 -7.44 2.66 4.93
N ALA A 113 -8.31 2.96 3.97
CA ALA A 113 -7.92 3.09 2.55
C ALA A 113 -7.66 4.54 2.12
N LEU A 114 -7.46 5.45 3.09
CA LEU A 114 -6.96 6.78 2.83
C LEU A 114 -5.52 6.95 3.31
N PHE A 115 -4.77 7.79 2.63
CA PHE A 115 -3.45 8.18 3.10
C PHE A 115 -3.58 8.95 4.42
N GLN A 116 -2.66 8.68 5.36
CA GLN A 116 -2.64 9.33 6.66
C GLN A 116 -2.01 10.73 6.60
N LYS A 117 -2.42 11.59 7.52
CA LYS A 117 -1.77 12.89 7.72
C LYS A 117 -0.25 12.75 7.75
N GLU A 118 0.41 13.64 7.01
CA GLU A 118 1.87 13.70 6.90
CA GLU A 118 1.88 13.68 6.93
C GLU A 118 2.52 12.56 6.11
N GLN A 119 1.72 11.70 5.46
CA GLN A 119 2.32 10.73 4.53
C GLN A 119 2.81 11.45 3.28
N LEU A 120 3.96 11.01 2.79
CA LEU A 120 4.50 11.48 1.52
C LEU A 120 3.77 10.78 0.37
N VAL A 121 3.33 11.58 -0.61
CA VAL A 121 2.62 11.13 -1.80
C VAL A 121 3.11 11.85 -3.05
N LEU A 122 2.74 11.32 -4.22
CA LEU A 122 2.78 12.08 -5.48
C LEU A 122 1.36 12.57 -5.73
N ALA A 123 1.20 13.88 -5.91
CA ALA A 123 -0.12 14.48 -6.11
C ALA A 123 -0.11 15.37 -7.35
N LEU A 124 -1.22 15.41 -8.06
CA LEU A 124 -1.33 16.26 -9.23
C LEU A 124 -1.46 17.73 -8.78
N TYR A 125 -0.58 18.56 -9.33
CA TYR A 125 -0.56 19.98 -8.93
C TYR A 125 -1.67 20.73 -9.65
N PRO A 126 -2.43 21.55 -8.92
CA PRO A 126 -3.54 22.30 -9.54
C PRO A 126 -3.13 23.04 -10.81
N GLN A 127 -3.99 22.96 -11.83
CA GLN A 127 -3.81 23.58 -13.16
C GLN A 127 -2.72 22.93 -14.02
N THR A 128 -2.20 21.79 -13.57
CA THR A 128 -1.25 21.02 -14.33
C THR A 128 -1.82 19.63 -14.60
N THR A 129 -1.12 18.87 -15.43
CA THR A 129 -1.42 17.44 -15.61
C THR A 129 -0.24 16.60 -15.08
N CYS A 130 0.52 17.15 -14.11
CA CYS A 130 1.73 16.48 -13.59
C CYS A 130 1.70 16.29 -12.07
N PHE A 131 2.38 15.23 -11.63
CA PHE A 131 2.43 14.84 -10.22
C PHE A 131 3.74 15.25 -9.58
N TYR A 132 3.66 15.72 -8.32
CA TYR A 132 4.82 16.21 -7.57
C TYR A 132 4.74 15.75 -6.13
N ARG A 133 5.91 15.70 -5.48
CA ARG A 133 5.99 15.26 -4.09
C ARG A 133 5.23 16.20 -3.15
N ALA A 134 4.47 15.61 -2.24
CA ALA A 134 3.67 16.34 -1.28
C ALA A 134 3.39 15.55 -0.02
N LEU A 135 3.07 16.26 1.05
CA LEU A 135 2.64 15.67 2.31
C LEU A 135 1.15 15.80 2.45
N ILE A 136 0.50 14.77 2.97
CA ILE A 136 -0.93 14.86 3.28
C ILE A 136 -1.11 15.87 4.40
N HIS A 137 -1.97 16.86 4.18
CA HIS A 137 -2.31 17.81 5.22
C HIS A 137 -3.61 17.36 5.92
N ALA A 138 -4.60 16.98 5.14
CA ALA A 138 -5.83 16.45 5.69
C ALA A 138 -6.45 15.47 4.71
N PRO A 139 -6.91 14.30 5.19
CA PRO A 139 -7.73 13.42 4.34
C PRO A 139 -9.12 14.02 4.06
N PRO A 140 -9.83 13.53 3.02
CA PRO A 140 -11.20 14.00 2.83
C PRO A 140 -12.13 13.61 3.99
N GLN A 141 -13.00 14.54 4.39
CA GLN A 141 -13.97 14.29 5.47
CA GLN A 141 -13.98 14.28 5.45
C GLN A 141 -15.18 13.51 4.95
N ARG A 142 -15.64 13.85 3.75
N ARG A 142 -15.65 13.83 3.75
CA ARG A 142 -16.79 13.20 3.10
CA ARG A 142 -16.77 13.16 3.12
C ARG A 142 -16.33 12.58 1.78
C ARG A 142 -16.34 12.58 1.78
N PRO A 143 -17.14 11.66 1.21
CA PRO A 143 -16.79 11.03 -0.09
C PRO A 143 -16.51 11.99 -1.26
N GLN A 144 -17.21 13.11 -1.29
CA GLN A 144 -17.02 14.11 -2.34
C GLN A 144 -15.75 14.94 -2.18
N ASP A 145 -15.13 14.94 -0.99
CA ASP A 145 -14.04 15.88 -0.71
C ASP A 145 -12.69 15.46 -1.27
N ASP A 146 -11.88 16.48 -1.56
CA ASP A 146 -10.49 16.29 -1.96
C ASP A 146 -9.64 16.10 -0.72
N TYR A 147 -8.46 15.51 -0.92
CA TYR A 147 -7.35 15.66 0.02
C TYR A 147 -6.89 17.11 0.02
N SER A 148 -6.35 17.54 1.16
CA SER A 148 -5.55 18.74 1.29
C SER A 148 -4.11 18.29 1.38
N VAL A 149 -3.22 18.87 0.58
CA VAL A 149 -1.79 18.52 0.63
C VAL A 149 -0.86 19.73 0.71
N LEU A 150 0.33 19.51 1.26
CA LEU A 150 1.44 20.47 1.18
C LEU A 150 2.47 19.97 0.16
N PHE A 151 2.57 20.63 -0.99
CA PHE A 151 3.62 20.29 -1.94
C PHE A 151 4.98 20.75 -1.44
N GLU A 152 6.01 19.95 -1.70
CA GLU A 152 7.40 20.40 -1.53
C GLU A 152 7.63 21.51 -2.56
N ASP A 153 7.96 22.69 -2.05
CA ASP A 153 8.04 23.89 -2.86
C ASP A 153 9.09 24.82 -2.26
N THR A 154 10.25 24.88 -2.90
CA THR A 154 11.38 25.64 -2.40
C THR A 154 11.24 27.16 -2.62
N SER A 155 10.18 27.60 -3.33
CA SER A 155 9.84 29.03 -3.34
C SER A 155 9.30 29.52 -1.99
N TYR A 156 8.97 28.62 -1.07
CA TYR A 156 8.59 28.97 0.30
C TYR A 156 9.74 28.80 1.27
N ALA A 157 9.82 29.68 2.26
CA ALA A 157 10.91 29.65 3.24
C ALA A 157 10.96 28.36 4.04
N ASP A 158 9.79 27.78 4.34
CA ASP A 158 9.71 26.51 5.07
C ASP A 158 9.68 25.27 4.15
N GLY A 159 9.78 25.46 2.83
CA GLY A 159 9.84 24.38 1.87
C GLY A 159 8.52 23.73 1.45
N TYR A 160 7.37 24.32 1.83
CA TYR A 160 6.06 23.77 1.53
C TYR A 160 5.10 24.80 1.01
N SER A 161 4.29 24.38 0.04
CA SER A 161 3.15 25.18 -0.41
C SER A 161 2.13 25.34 0.71
N PRO A 162 1.20 26.31 0.57
CA PRO A 162 -0.02 26.28 1.37
C PRO A 162 -0.83 25.00 1.09
N PRO A 163 -1.79 24.66 1.96
CA PRO A 163 -2.65 23.52 1.64
C PRO A 163 -3.36 23.71 0.30
N LEU A 164 -3.25 22.71 -0.57
CA LEU A 164 -3.91 22.72 -1.86
C LEU A 164 -4.72 21.45 -2.03
N ASN A 165 -5.85 21.57 -2.70
CA ASN A 165 -6.81 20.47 -2.82
C ASN A 165 -6.51 19.59 -4.02
N VAL A 166 -6.49 18.26 -3.79
CA VAL A 166 -6.22 17.28 -4.86
C VAL A 166 -7.21 16.15 -4.66
N ALA A 167 -7.95 15.79 -5.74
CA ALA A 167 -8.89 14.65 -5.68
C ALA A 167 -8.23 13.29 -5.47
N GLN A 168 -8.98 12.36 -4.88
CA GLN A 168 -8.49 10.99 -4.67
C GLN A 168 -7.94 10.31 -5.95
N ARG A 169 -8.51 10.59 -7.13
CA ARG A 169 -8.02 10.04 -8.40
CA ARG A 169 -7.99 9.96 -8.34
C ARG A 169 -6.53 10.33 -8.61
N TYR A 170 -6.08 11.47 -8.06
CA TYR A 170 -4.79 12.05 -8.37
C TYR A 170 -3.79 12.12 -7.21
N VAL A 171 -3.96 11.24 -6.23
CA VAL A 171 -2.97 11.10 -5.17
C VAL A 171 -2.56 9.65 -5.10
N VAL A 172 -1.26 9.40 -5.27
CA VAL A 172 -0.70 8.05 -5.26
C VAL A 172 0.53 8.00 -4.35
N ALA A 173 0.96 6.79 -3.98
CA ALA A 173 2.10 6.64 -3.05
C ALA A 173 3.39 7.16 -3.72
N CYS A 174 4.30 7.72 -2.91
CA CYS A 174 5.61 8.16 -3.40
C CYS A 174 6.71 7.20 -2.93
N ARG B 3 7.24 -20.61 25.55
CA ARG B 3 7.46 -19.46 26.48
C ARG B 3 8.51 -18.48 25.90
N GLY B 4 9.68 -18.38 26.56
CA GLY B 4 10.85 -17.73 25.97
C GLY B 4 11.40 -18.46 24.77
N VAL B 5 11.15 -19.78 24.70
CA VAL B 5 11.55 -20.58 23.52
C VAL B 5 10.83 -20.11 22.24
N LEU B 6 9.51 -20.01 22.32
CA LEU B 6 8.72 -19.50 21.17
C LEU B 6 9.27 -18.16 20.68
N MET B 7 9.44 -17.20 21.60
CA MET B 7 9.92 -15.87 21.18
C MET B 7 11.31 -15.91 20.55
N THR B 8 12.16 -16.81 21.05
CA THR B 8 13.46 -17.05 20.44
C THR B 8 13.32 -17.55 19.00
N LEU B 9 12.40 -18.48 18.78
CA LEU B 9 12.14 -18.99 17.45
C LEU B 9 11.55 -17.91 16.51
N LEU B 10 10.64 -17.10 17.03
CA LEU B 10 10.06 -16.02 16.22
C LEU B 10 11.05 -14.94 15.86
N GLN B 11 11.91 -14.59 16.81
CA GLN B 11 13.00 -13.67 16.55
C GLN B 11 13.95 -14.24 15.49
N GLN B 12 14.24 -15.54 15.56
CA GLN B 12 15.13 -16.15 14.59
C GLN B 12 14.49 -16.19 13.20
N SER B 13 13.18 -16.40 13.14
CA SER B 13 12.46 -16.41 11.86
C SER B 13 12.57 -15.02 11.19
N ALA B 14 12.42 -13.96 11.98
CA ALA B 14 12.67 -12.58 11.48
C ALA B 14 14.09 -12.32 10.98
N MET B 15 15.08 -12.76 11.76
CA MET B 15 16.49 -12.55 11.40
CA MET B 15 16.49 -12.58 11.41
C MET B 15 16.88 -13.31 10.15
N THR B 16 16.44 -14.57 10.05
CA THR B 16 16.84 -15.43 8.94
C THR B 16 16.06 -15.19 7.65
N LEU B 17 15.09 -14.27 7.66
CA LEU B 17 14.40 -13.90 6.42
C LEU B 17 15.42 -13.35 5.43
N PRO B 18 15.52 -13.94 4.23
CA PRO B 18 16.60 -13.47 3.38
C PRO B 18 16.33 -12.08 2.78
N LEU B 19 17.41 -11.32 2.60
CA LEU B 19 17.36 -10.08 1.86
C LEU B 19 17.13 -10.39 0.40
N TRP B 20 16.27 -9.60 -0.25
CA TRP B 20 16.08 -9.68 -1.70
C TRP B 20 17.23 -8.98 -2.43
N ILE B 21 17.84 -9.67 -3.40
CA ILE B 21 18.89 -9.10 -4.29
C ILE B 21 18.36 -9.04 -5.73
N GLY B 22 17.94 -7.86 -6.17
CA GLY B 22 17.41 -7.66 -7.52
C GLY B 22 18.54 -7.32 -8.47
N LYS B 23 18.21 -6.66 -9.56
CA LYS B 23 19.20 -6.15 -10.50
C LYS B 23 18.64 -4.88 -11.17
N PRO B 24 19.52 -4.07 -11.79
CA PRO B 24 19.10 -2.72 -12.19
C PRO B 24 17.92 -2.70 -13.15
N GLY B 25 17.00 -1.76 -12.94
CA GLY B 25 15.87 -1.56 -13.84
C GLY B 25 14.57 -2.31 -13.52
N ASP B 26 14.63 -3.19 -12.52
CA ASP B 26 13.48 -4.05 -12.18
C ASP B 26 12.58 -3.42 -11.11
N LYS B 27 11.52 -4.15 -10.77
CA LYS B 27 10.70 -3.88 -9.61
C LYS B 27 10.95 -5.01 -8.60
N PRO B 28 10.90 -4.70 -7.29
CA PRO B 28 10.99 -5.81 -6.34
C PRO B 28 9.80 -6.79 -6.50
N PRO B 29 10.01 -8.09 -6.19
CA PRO B 29 8.93 -9.03 -6.42
C PRO B 29 7.84 -8.97 -5.35
N PRO B 30 6.66 -9.53 -5.65
CA PRO B 30 5.60 -9.67 -4.64
C PRO B 30 6.12 -10.36 -3.41
N LEU B 31 5.76 -9.88 -2.23
CA LEU B 31 6.24 -10.39 -0.93
C LEU B 31 7.70 -10.07 -0.59
N CYS B 32 8.34 -9.21 -1.37
CA CYS B 32 9.54 -8.54 -0.88
C CYS B 32 9.07 -7.37 -0.03
N GLY B 33 9.31 -7.44 1.27
CA GLY B 33 8.96 -6.32 2.16
C GLY B 33 7.49 -5.95 2.05
N ALA B 34 7.25 -4.68 1.73
CA ALA B 34 5.92 -4.11 1.64
C ALA B 34 5.22 -4.37 0.31
N ILE B 35 5.86 -5.02 -0.66
CA ILE B 35 5.22 -5.25 -1.96
C ILE B 35 4.11 -6.31 -1.77
N PRO B 36 2.86 -5.97 -2.13
CA PRO B 36 1.77 -6.93 -1.88
C PRO B 36 1.87 -8.22 -2.69
N ALA B 37 1.19 -9.25 -2.23
CA ALA B 37 1.11 -10.50 -2.97
C ALA B 37 0.47 -10.24 -4.33
N SER B 38 0.76 -11.11 -5.27
CA SER B 38 0.07 -11.10 -6.56
C SER B 38 -1.43 -11.28 -6.38
N GLY B 39 -2.22 -10.88 -7.38
N GLY B 39 -2.18 -10.88 -7.40
CA GLY B 39 -3.69 -10.78 -7.24
CA GLY B 39 -3.62 -11.10 -7.43
C GLY B 39 -4.42 -12.03 -6.74
C GLY B 39 -3.86 -12.60 -7.39
N ASP B 40 -4.10 -13.18 -7.32
N ASP B 40 -4.79 -13.04 -6.56
CA ASP B 40 -4.80 -14.42 -6.99
CA ASP B 40 -5.14 -14.45 -6.58
C ASP B 40 -3.95 -15.37 -6.15
C ASP B 40 -3.98 -15.35 -6.12
N TYR B 41 -3.03 -14.81 -5.35
CA TYR B 41 -2.00 -15.59 -4.69
C TYR B 41 -2.56 -16.54 -3.62
N VAL B 42 -2.00 -17.75 -3.55
CA VAL B 42 -2.29 -18.69 -2.47
C VAL B 42 -0.97 -19.04 -1.81
N ALA B 43 -0.89 -18.85 -0.48
CA ALA B 43 0.30 -19.23 0.29
C ALA B 43 0.48 -20.75 0.36
N ARG B 44 1.74 -21.17 0.50
CA ARG B 44 2.17 -22.58 0.52
C ARG B 44 2.06 -23.13 1.93
N PRO B 45 1.78 -24.45 2.08
CA PRO B 45 1.88 -25.09 3.39
C PRO B 45 3.24 -24.82 4.01
N GLY B 46 3.25 -24.40 5.27
CA GLY B 46 4.49 -24.01 5.95
C GLY B 46 4.79 -22.52 5.95
N ASP B 47 4.22 -21.78 5.00
CA ASP B 47 4.41 -20.31 4.93
C ASP B 47 3.75 -19.66 6.15
N LYS B 48 4.41 -18.62 6.66
CA LYS B 48 3.85 -17.83 7.75
CA LYS B 48 3.89 -17.79 7.75
C LYS B 48 2.90 -16.75 7.22
N VAL B 49 1.83 -16.55 7.96
CA VAL B 49 0.80 -15.58 7.63
C VAL B 49 0.30 -14.82 8.86
N ALA B 50 -0.32 -13.68 8.62
CA ALA B 50 -1.24 -13.09 9.57
C ALA B 50 -2.61 -13.67 9.27
N ALA B 51 -3.28 -14.18 10.29
CA ALA B 51 -4.61 -14.82 10.13
C ALA B 51 -5.62 -14.15 11.05
N ARG B 52 -6.76 -13.73 10.48
CA ARG B 52 -7.80 -13.06 11.26
C ARG B 52 -8.77 -14.08 11.85
N VAL B 53 -8.61 -14.32 13.15
CA VAL B 53 -9.40 -15.31 13.88
C VAL B 53 -10.55 -14.65 14.61
N LYS B 54 -11.77 -15.09 14.26
CA LYS B 54 -12.99 -14.66 14.95
C LYS B 54 -13.23 -15.59 16.13
N ALA B 55 -13.18 -15.03 17.34
CA ALA B 55 -13.45 -15.78 18.57
C ALA B 55 -14.91 -16.18 18.62
N VAL B 56 -15.22 -17.13 19.50
CA VAL B 56 -16.61 -17.62 19.61
C VAL B 56 -17.60 -16.48 19.90
N ASP B 57 -17.16 -15.50 20.68
CA ASP B 57 -17.97 -14.32 20.99
C ASP B 57 -17.98 -13.20 19.94
N GLY B 58 -17.27 -13.38 18.82
CA GLY B 58 -17.24 -12.42 17.75
C GLY B 58 -16.00 -11.56 17.70
N ASP B 59 -15.17 -11.59 18.75
CA ASP B 59 -13.95 -10.75 18.79
C ASP B 59 -13.00 -11.15 17.68
N GLU B 60 -12.49 -10.15 16.95
CA GLU B 60 -11.59 -10.40 15.81
C GLU B 60 -10.15 -10.07 16.22
N GLN B 61 -9.23 -11.01 16.01
CA GLN B 61 -7.82 -10.75 16.27
C GLN B 61 -6.96 -11.34 15.16
N TRP B 62 -6.05 -10.51 14.60
CA TRP B 62 -5.03 -11.02 13.68
C TRP B 62 -3.90 -11.70 14.47
N ILE B 63 -3.60 -12.93 14.12
CA ILE B 63 -2.54 -13.70 14.79
C ILE B 63 -1.49 -14.20 13.80
N LEU B 64 -0.33 -14.57 14.33
CA LEU B 64 0.70 -15.23 13.56
C LEU B 64 0.35 -16.71 13.45
N ALA B 65 0.35 -17.22 12.23
CA ALA B 65 -0.02 -18.59 11.95
C ALA B 65 0.82 -19.16 10.81
N GLU B 66 0.75 -20.48 10.66
N GLU B 66 0.72 -20.48 10.65
CA GLU B 66 1.45 -21.22 9.61
CA GLU B 66 1.43 -21.22 9.62
C GLU B 66 0.40 -21.88 8.74
C GLU B 66 0.39 -21.90 8.74
N VAL B 67 0.51 -21.76 7.42
CA VAL B 67 -0.45 -22.37 6.49
C VAL B 67 -0.30 -23.89 6.55
N VAL B 68 -1.45 -24.57 6.57
CA VAL B 68 -1.53 -26.03 6.58
C VAL B 68 -1.97 -26.52 5.20
N SER B 69 -3.09 -25.99 4.74
CA SER B 69 -3.67 -26.37 3.45
C SER B 69 -4.50 -25.24 2.87
N TYR B 70 -4.80 -25.38 1.59
CA TYR B 70 -5.76 -24.53 0.93
C TYR B 70 -6.65 -25.42 0.09
N SER B 71 -7.95 -25.14 0.10
CA SER B 71 -8.92 -25.85 -0.73
C SER B 71 -9.51 -24.92 -1.76
N HIS B 72 -9.35 -25.30 -3.02
CA HIS B 72 -9.86 -24.51 -4.14
C HIS B 72 -11.41 -24.43 -4.19
N ALA B 73 -12.09 -25.52 -3.86
CA ALA B 73 -13.57 -25.57 -3.78
C ALA B 73 -14.19 -24.47 -2.94
N THR B 74 -13.70 -24.37 -1.70
CA THR B 74 -14.23 -23.45 -0.71
C THR B 74 -13.55 -22.08 -0.71
N ASN B 75 -12.35 -22.01 -1.30
CA ASN B 75 -11.51 -20.82 -1.21
C ASN B 75 -11.18 -20.53 0.26
N LYS B 76 -10.83 -21.59 0.98
CA LYS B 76 -10.46 -21.47 2.38
C LYS B 76 -9.12 -22.10 2.65
N TYR B 77 -8.44 -21.55 3.65
CA TYR B 77 -7.23 -22.14 4.19
C TYR B 77 -7.54 -22.86 5.48
N GLU B 78 -6.69 -23.84 5.80
CA GLU B 78 -6.41 -24.20 7.19
C GLU B 78 -5.09 -23.57 7.58
N VAL B 79 -5.05 -22.98 8.75
CA VAL B 79 -3.80 -22.47 9.33
C VAL B 79 -3.67 -22.92 10.76
N ASP B 80 -2.43 -23.04 11.23
CA ASP B 80 -2.16 -23.32 12.64
C ASP B 80 -1.59 -22.10 13.37
N ASP B 81 -2.23 -21.77 14.48
CA ASP B 81 -1.71 -20.79 15.44
C ASP B 81 -0.26 -21.15 15.76
N ILE B 82 0.65 -20.18 15.62
CA ILE B 82 2.12 -20.42 15.75
C ILE B 82 2.52 -20.89 17.14
N ASP B 83 1.70 -20.62 18.15
CA ASP B 83 2.09 -21.05 19.49
C ASP B 83 1.92 -22.57 19.70
N GLU B 84 1.21 -23.24 18.77
CA GLU B 84 1.08 -24.71 18.73
C GLU B 84 0.46 -25.31 20.01
N GLU B 85 -0.31 -24.50 20.73
CA GLU B 85 -0.85 -24.88 22.03
C GLU B 85 -2.32 -25.20 21.84
N GLY B 86 -2.84 -26.13 22.65
CA GLY B 86 -4.24 -26.53 22.59
C GLY B 86 -4.67 -26.95 21.21
N LYS B 87 -5.83 -26.44 20.78
CA LYS B 87 -6.37 -26.63 19.43
C LYS B 87 -5.89 -25.45 18.55
N GLU B 88 -4.82 -25.69 17.82
CA GLU B 88 -4.15 -24.63 17.10
C GLU B 88 -4.72 -24.36 15.71
N ARG B 89 -5.59 -25.23 15.17
CA ARG B 89 -5.98 -25.17 13.75
C ARG B 89 -7.23 -24.32 13.51
N HIS B 90 -7.24 -23.56 12.42
CA HIS B 90 -8.37 -22.71 12.03
C HIS B 90 -8.63 -22.76 10.55
N THR B 91 -9.88 -22.94 10.18
CA THR B 91 -10.35 -22.88 8.81
C THR B 91 -10.91 -21.47 8.58
N LEU B 92 -10.42 -20.78 7.57
CA LEU B 92 -10.81 -19.39 7.33
C LEU B 92 -10.67 -18.99 5.88
N SER B 93 -11.43 -17.97 5.52
CA SER B 93 -11.46 -17.47 4.17
C SER B 93 -10.11 -16.86 3.77
N ARG B 94 -9.86 -16.82 2.47
N ARG B 94 -9.86 -16.82 2.46
CA ARG B 94 -8.66 -16.24 1.91
CA ARG B 94 -8.63 -16.24 1.92
C ARG B 94 -8.45 -14.78 2.35
C ARG B 94 -8.45 -14.78 2.35
N ARG B 95 -9.54 -14.01 2.39
CA ARG B 95 -9.46 -12.61 2.79
C ARG B 95 -9.10 -12.37 4.28
N ARG B 96 -9.12 -13.44 5.11
CA ARG B 96 -8.62 -13.39 6.48
C ARG B 96 -7.16 -13.82 6.62
N VAL B 97 -6.42 -13.90 5.51
CA VAL B 97 -5.03 -14.35 5.53
C VAL B 97 -4.20 -13.34 4.74
N ILE B 98 -3.18 -12.78 5.41
CA ILE B 98 -2.18 -11.95 4.74
C ILE B 98 -0.85 -12.70 4.79
N PRO B 99 -0.25 -13.03 3.61
CA PRO B 99 1.05 -13.71 3.66
C PRO B 99 2.10 -12.77 4.20
N LEU B 100 3.00 -13.27 5.03
CA LEU B 100 4.12 -12.43 5.50
C LEU B 100 5.10 -12.29 4.35
N PRO B 101 5.90 -11.21 4.35
CA PRO B 101 6.95 -11.10 3.30
C PRO B 101 7.89 -12.28 3.31
N GLN B 102 8.33 -12.71 2.12
CA GLN B 102 9.31 -13.81 1.97
C GLN B 102 10.74 -13.31 1.82
N TRP B 103 10.92 -12.00 1.67
CA TRP B 103 12.23 -11.38 1.75
C TRP B 103 12.15 -10.09 2.54
N LYS B 104 13.27 -9.71 3.16
CA LYS B 104 13.45 -8.35 3.61
C LYS B 104 13.70 -7.49 2.38
N ALA B 105 13.18 -6.27 2.38
CA ALA B 105 13.61 -5.25 1.44
C ALA B 105 14.90 -4.59 1.98
N ASN B 106 15.93 -4.60 1.15
CA ASN B 106 17.19 -3.97 1.49
C ASN B 106 17.01 -2.47 1.33
N PRO B 107 17.09 -1.70 2.44
CA PRO B 107 16.84 -0.26 2.31
C PRO B 107 17.73 0.49 1.29
N GLU B 108 18.94 0.01 1.09
CA GLU B 108 19.90 0.64 0.17
C GLU B 108 19.49 0.51 -1.28
N THR B 109 19.01 -0.68 -1.65
CA THR B 109 18.70 -1.01 -3.05
C THR B 109 17.23 -0.89 -3.39
N ASP B 110 16.34 -1.18 -2.43
CA ASP B 110 14.89 -1.24 -2.70
C ASP B 110 14.04 -0.54 -1.65
N PRO B 111 14.28 0.77 -1.45
CA PRO B 111 13.48 1.51 -0.48
C PRO B 111 12.00 1.60 -0.88
N GLU B 112 11.70 1.50 -2.18
CA GLU B 112 10.31 1.41 -2.65
C GLU B 112 9.53 0.18 -2.14
N ALA B 113 10.23 -0.83 -1.62
CA ALA B 113 9.57 -1.99 -1.03
C ALA B 113 9.44 -1.88 0.50
N LEU B 114 9.54 -0.67 1.04
CA LEU B 114 9.36 -0.47 2.48
C LEU B 114 8.13 0.36 2.72
N PHE B 115 7.46 0.07 3.84
CA PHE B 115 6.43 0.97 4.36
C PHE B 115 7.08 2.27 4.80
N GLN B 116 6.40 3.38 4.56
CA GLN B 116 6.96 4.69 4.84
C GLN B 116 6.34 5.34 6.05
N LYS B 117 7.04 6.36 6.54
CA LYS B 117 6.61 7.07 7.74
C LYS B 117 5.15 7.49 7.63
N GLU B 118 4.40 7.30 8.72
CA GLU B 118 2.97 7.56 8.84
C GLU B 118 2.00 6.60 8.16
N GLN B 119 2.51 5.56 7.48
N GLN B 119 2.50 5.55 7.50
CA GLN B 119 1.64 4.55 6.86
CA GLN B 119 1.62 4.60 6.87
C GLN B 119 1.02 3.71 7.96
C GLN B 119 1.02 3.70 7.94
N LEU B 120 -0.26 3.40 7.80
CA LEU B 120 -0.98 2.53 8.70
C LEU B 120 -0.64 1.09 8.33
N VAL B 121 -0.27 0.29 9.34
CA VAL B 121 0.09 -1.11 9.11
C VAL B 121 -0.50 -2.00 10.19
N LEU B 122 -0.44 -3.31 9.96
CA LEU B 122 -0.61 -4.31 11.04
C LEU B 122 0.79 -4.75 11.42
N ALA B 123 1.13 -4.70 12.71
CA ALA B 123 2.46 -5.09 13.20
C ALA B 123 2.35 -6.01 14.40
N LEU B 124 3.26 -6.98 14.45
CA LEU B 124 3.25 -7.92 15.54
C LEU B 124 3.74 -7.21 16.81
N TYR B 125 2.95 -7.23 17.89
CA TYR B 125 3.38 -6.55 19.10
C TYR B 125 4.54 -7.33 19.74
N PRO B 126 5.62 -6.62 20.14
CA PRO B 126 6.77 -7.32 20.73
C PRO B 126 6.38 -8.26 21.89
N GLN B 127 7.00 -9.44 21.88
CA GLN B 127 6.76 -10.49 22.87
C GLN B 127 5.35 -11.10 22.81
N THR B 128 4.66 -10.92 21.68
CA THR B 128 3.34 -11.51 21.46
C THR B 128 3.36 -12.24 20.12
N THR B 129 2.25 -12.92 19.82
CA THR B 129 2.06 -13.52 18.50
C THR B 129 0.83 -12.91 17.80
N CYS B 130 0.47 -11.70 18.22
CA CYS B 130 -0.71 -10.98 17.70
C CYS B 130 -0.32 -9.69 17.00
N PHE B 131 -1.05 -9.38 15.92
CA PHE B 131 -0.82 -8.19 15.10
C PHE B 131 -1.86 -7.17 15.49
N TYR B 132 -1.46 -5.90 15.52
CA TYR B 132 -2.31 -4.76 15.92
C TYR B 132 -2.00 -3.57 15.02
N ARG B 133 -2.98 -2.67 14.93
CA ARG B 133 -2.84 -1.46 14.16
C ARG B 133 -1.75 -0.54 14.69
N ALA B 134 -0.95 -0.03 13.76
CA ALA B 134 0.16 0.86 14.10
C ALA B 134 0.49 1.79 12.95
N LEU B 135 1.14 2.91 13.26
CA LEU B 135 1.72 3.82 12.26
C LEU B 135 3.22 3.62 12.20
N ILE B 136 3.78 3.64 10.99
CA ILE B 136 5.23 3.60 10.84
C ILE B 136 5.81 4.90 11.41
N HIS B 137 6.78 4.78 12.29
CA HIS B 137 7.55 5.92 12.77
C HIS B 137 8.85 6.07 11.95
N ALA B 138 9.52 4.95 11.69
CA ALA B 138 10.71 4.95 10.84
C ALA B 138 10.86 3.62 10.11
N PRO B 139 11.06 3.65 8.77
CA PRO B 139 11.51 2.43 8.09
C PRO B 139 12.96 2.11 8.42
N PRO B 140 13.39 0.85 8.20
CA PRO B 140 14.79 0.55 8.50
C PRO B 140 15.70 1.27 7.50
N GLN B 141 16.90 1.64 7.94
CA GLN B 141 17.98 2.14 7.06
C GLN B 141 19.20 1.23 6.98
N ARG B 142 19.17 0.09 7.64
CA ARG B 142 20.20 -0.91 7.41
C ARG B 142 19.47 -2.22 7.19
N PRO B 143 20.11 -3.16 6.46
CA PRO B 143 19.51 -4.47 6.17
C PRO B 143 19.04 -5.31 7.37
N GLN B 144 19.72 -5.17 8.50
CA GLN B 144 19.41 -5.95 9.69
C GLN B 144 18.36 -5.29 10.59
N ASP B 145 17.89 -4.10 10.22
CA ASP B 145 17.14 -3.27 11.17
C ASP B 145 15.63 -3.40 11.10
N ASP B 146 15.00 -3.14 12.24
CA ASP B 146 13.55 -3.23 12.34
C ASP B 146 12.90 -1.96 11.86
N TYR B 147 11.61 -2.06 11.59
CA TYR B 147 10.76 -0.86 11.58
C TYR B 147 10.65 -0.34 13.00
N SER B 148 10.46 0.96 13.14
CA SER B 148 10.04 1.58 14.40
C SER B 148 8.59 1.96 14.16
N VAL B 149 7.68 1.53 15.04
CA VAL B 149 6.27 1.80 14.86
C VAL B 149 5.62 2.39 16.12
N LEU B 150 4.51 3.08 15.91
CA LEU B 150 3.66 3.56 17.01
C LEU B 150 2.40 2.74 17.01
N PHE B 151 2.20 1.88 18.00
CA PHE B 151 0.93 1.16 18.12
C PHE B 151 -0.19 2.07 18.59
N GLU B 152 -1.40 1.88 18.05
CA GLU B 152 -2.60 2.47 18.66
C GLU B 152 -2.78 1.86 20.03
N ASP B 153 -2.71 2.72 21.05
CA ASP B 153 -2.67 2.29 22.44
C ASP B 153 -3.34 3.34 23.30
N THR B 154 -4.58 3.06 23.67
CA THR B 154 -5.41 3.96 24.48
C THR B 154 -5.00 4.02 25.97
N SER B 155 -4.07 3.18 26.42
CA SER B 155 -3.45 3.39 27.73
C SER B 155 -2.58 4.67 27.80
N TYR B 156 -2.30 5.29 26.64
CA TYR B 156 -1.67 6.61 26.55
C TYR B 156 -2.73 7.66 26.23
N ALA B 157 -2.62 8.82 26.87
CA ALA B 157 -3.60 9.89 26.66
C ALA B 157 -3.67 10.35 25.20
N ASP B 158 -2.54 10.31 24.49
CA ASP B 158 -2.50 10.71 23.06
C ASP B 158 -2.80 9.56 22.06
N GLY B 159 -3.03 8.35 22.57
CA GLY B 159 -3.53 7.24 21.77
C GLY B 159 -2.47 6.38 21.08
N TYR B 160 -1.19 6.61 21.38
CA TYR B 160 -0.07 5.91 20.71
C TYR B 160 1.00 5.52 21.69
N SER B 161 1.59 4.35 21.44
CA SER B 161 2.78 3.91 22.16
C SER B 161 3.98 4.78 21.82
N PRO B 162 5.06 4.70 22.63
CA PRO B 162 6.33 5.19 22.11
C PRO B 162 6.77 4.31 20.92
N PRO B 163 7.77 4.77 20.18
CA PRO B 163 8.30 3.94 19.10
C PRO B 163 8.76 2.58 19.60
N LEU B 164 8.26 1.53 18.97
CA LEU B 164 8.69 0.17 19.24
C LEU B 164 9.20 -0.51 17.98
N ASN B 165 10.18 -1.38 18.15
CA ASN B 165 10.80 -2.08 17.02
C ASN B 165 10.05 -3.36 16.65
N VAL B 166 9.74 -3.51 15.35
CA VAL B 166 9.14 -4.73 14.80
C VAL B 166 9.86 -5.05 13.50
N ALA B 167 10.28 -6.31 13.37
CA ALA B 167 11.04 -6.73 12.18
C ALA B 167 10.22 -6.68 10.90
N GLN B 168 10.90 -6.60 9.78
CA GLN B 168 10.24 -6.64 8.47
C GLN B 168 9.31 -7.83 8.29
N ARG B 169 9.70 -9.00 8.79
CA ARG B 169 8.85 -10.19 8.64
C ARG B 169 7.45 -10.01 9.24
N TYR B 170 7.32 -9.09 10.22
CA TYR B 170 6.14 -8.99 11.05
C TYR B 170 5.39 -7.65 10.94
N VAL B 171 5.61 -6.93 9.84
CA VAL B 171 4.81 -5.75 9.50
C VAL B 171 4.14 -6.01 8.14
N VAL B 172 2.81 -5.91 8.10
CA VAL B 172 2.04 -6.10 6.88
C VAL B 172 0.97 -5.04 6.71
N ALA B 173 0.33 -5.10 5.54
CA ALA B 173 -0.68 -4.11 5.18
C ALA B 173 -1.82 -4.13 6.16
N CYS B 174 -2.39 -2.95 6.45
CA CYS B 174 -3.42 -2.85 7.47
C CYS B 174 -4.77 -3.22 6.93
N LYS B 175 -5.15 -4.49 7.12
CA LYS B 175 -6.47 -4.98 6.74
C LYS B 175 -7.42 -5.08 7.94
N GLU B 176 -7.32 -4.15 8.88
CA GLU B 176 -8.19 -4.15 10.06
C GLU B 176 -8.85 -2.78 10.30
N PRO B 177 -10.21 -2.72 10.25
CA PRO B 177 -10.92 -1.49 10.68
C PRO B 177 -10.65 -1.12 12.14
N LYS B 178 -10.70 0.17 12.46
CA LYS B 178 -10.40 0.66 13.83
C LYS B 178 -11.38 0.17 14.91
N ALA C 1 -2.75 -18.28 20.74
CA ALA C 1 -1.99 -17.04 20.47
C ALA C 1 -1.61 -16.40 21.78
N ARG C 2 -0.48 -15.70 21.79
N ARG C 2 -0.50 -15.68 21.78
CA ARG C 2 -0.04 -14.93 22.94
CA ARG C 2 -0.06 -14.93 22.96
C ARG C 2 -0.43 -13.49 22.65
C ARG C 2 -0.42 -13.49 22.66
N THR C 3 -1.34 -12.94 23.47
CA THR C 3 -1.86 -11.60 23.26
C THR C 3 -1.03 -10.57 24.04
N 4WQ C 4 -1.22 -9.29 23.69
CA 4WQ C 4 -0.65 -8.20 24.46
CB 4WQ C 4 -0.89 -6.91 23.69
CG 4WQ C 4 -0.49 -5.62 24.41
CD 4WQ C 4 -0.54 -4.44 23.44
CE 4WQ C 4 -1.96 -4.21 22.89
CZ 4WQ C 4 -2.18 -2.88 22.17
CM3 4WQ C 4 -1.23 -2.72 20.98
CM2 4WQ C 4 -3.62 -2.84 21.68
CM1 4WQ C 4 -1.94 -1.72 23.13
C 4WQ C 4 -1.30 -8.21 25.83
O 4WQ C 4 -2.50 -8.38 25.89
N GLN C 5 -0.51 -8.19 26.91
CA GLN C 5 -0.97 -8.55 28.25
C GLN C 5 -0.66 -7.45 29.26
N ALA D 1 1.65 17.39 -22.02
CA ALA D 1 1.32 17.63 -20.57
C ALA D 1 1.47 19.10 -20.23
N ARG D 2 0.85 19.51 -19.13
CA ARG D 2 1.06 20.85 -18.58
C ARG D 2 1.84 20.68 -17.28
N THR D 3 3.01 21.32 -17.16
CA THR D 3 3.84 21.24 -15.96
C THR D 3 3.56 22.42 -15.04
N 4WQ D 4 4.07 22.30 -13.81
CA 4WQ D 4 4.08 23.41 -12.89
CB 4WQ D 4 4.56 22.93 -11.52
CG 4WQ D 4 4.53 24.03 -10.47
CD 4WQ D 4 4.59 23.43 -9.07
CE 4WQ D 4 5.90 22.69 -8.85
CZ 4WQ D 4 6.23 22.34 -7.40
CM3 4WQ D 4 5.09 21.54 -6.77
CM2 4WQ D 4 7.52 21.50 -7.42
CM1 4WQ D 4 6.43 23.61 -6.57
C 4WQ D 4 4.96 24.50 -13.42
O 4WQ D 4 5.98 24.21 -14.02
N GLN D 5 4.54 25.75 -13.23
S SO4 E . 14.08 2.16 -16.71
O1 SO4 E . 15.24 2.95 -16.26
O2 SO4 E . 13.52 2.78 -17.92
O3 SO4 E . 14.51 0.77 -16.97
O4 SO4 E . 13.04 2.16 -15.65
UNK UNX F . -4.94 19.80 -12.33
UNK UNX G . 5.81 2.58 -32.06
UNK UNX H . 0.05 26.95 -21.42
UNK UNX I . -17.56 13.94 -16.55
S SO4 J . -15.44 -14.21 6.04
O1 SO4 J . -14.21 -13.60 5.48
O2 SO4 J . -16.67 -13.59 5.46
O3 SO4 J . -15.43 -15.65 5.76
O4 SO4 J . -15.52 -14.02 7.49
C1 GOL K . 7.59 -11.52 18.64
O1 GOL K . 6.61 -10.47 18.72
C2 GOL K . 8.94 -10.84 18.70
O2 GOL K . 9.06 -10.26 20.00
C3 GOL K . 10.02 -11.89 18.41
O3 GOL K . 11.32 -11.32 18.54
UNK UNX L . -10.69 -13.62 -1.98
UNK UNX M . 10.75 -19.72 9.79
UNK UNX N . -2.40 -7.71 -3.30
#